data_6NK8
#
_entry.id   6NK8
#
_cell.length_a   83.256
_cell.length_b   105.669
_cell.length_c   123.764
_cell.angle_alpha   90.000
_cell.angle_beta   90.000
_cell.angle_gamma   90.000
#
_symmetry.space_group_name_H-M   'C 2 2 21'
#
loop_
_entity.id
_entity.type
_entity.pdbx_description
1 polymer 'Class 2 OLD family nuclease'
2 non-polymer 'MAGNESIUM ION'
3 water water
#
_entity_poly.entity_id   1
_entity_poly.type   'polypeptide(L)'
_entity_poly.pdbx_seq_one_letter_code
;DEDEDDLQRYIDVTRGELFFARGIIFVEGDAERFLIPAFAEALDIHLDILGISVCSVSGTNFAPYIKLVGPTGLNIPHVV
LTDLDPVDDRPPLARKRLLRLLELAVTDEEWDELDEDEPWDLGEEYGYFVNDSTLEPELFQAGLGSGIRDVIESELSTSA
QTREALACWVDDPTALNNERLLKLIERIGKGRFAQALAGFATADTCPAYIRNALEYIRDAVALEHHHHHH
;
_entity_poly.pdbx_strand_id   A,B
#
# COMPACT_ATOMS: atom_id res chain seq x y z
N PHE A 19 -4.79 9.59 12.28
CA PHE A 19 -4.48 10.51 13.37
C PHE A 19 -2.96 10.73 13.42
N PHE A 20 -2.20 9.73 12.96
CA PHE A 20 -0.74 9.80 12.96
C PHE A 20 -0.17 8.70 12.07
N ALA A 21 0.94 9.03 11.41
CA ALA A 21 1.77 8.08 10.68
C ALA A 21 3.22 8.38 11.05
N ARG A 22 4.09 7.37 10.93
CA ARG A 22 5.46 7.59 11.37
C ARG A 22 6.21 8.51 10.41
N GLY A 23 5.79 8.54 9.13
CA GLY A 23 6.42 9.39 8.12
C GLY A 23 5.48 9.60 6.95
N ILE A 24 5.77 10.64 6.16
CA ILE A 24 4.92 11.01 5.03
C ILE A 24 5.81 11.34 3.84
N ILE A 25 5.41 10.86 2.66
CA ILE A 25 6.05 11.18 1.40
C ILE A 25 5.06 12.06 0.64
N PHE A 26 5.39 13.33 0.47
CA PHE A 26 4.52 14.27 -0.22
C PHE A 26 4.84 14.26 -1.70
N VAL A 27 3.83 14.11 -2.54
CA VAL A 27 4.05 14.07 -3.98
C VAL A 27 3.04 14.99 -4.63
N GLU A 28 3.25 15.23 -5.93
CA GLU A 28 2.45 16.22 -6.65
C GLU A 28 1.13 15.65 -7.13
N GLY A 29 1.11 14.41 -7.62
CA GLY A 29 -0.10 13.99 -8.30
C GLY A 29 -0.27 12.48 -8.32
N ASP A 30 -1.22 12.05 -9.16
CA ASP A 30 -1.65 10.67 -9.20
C ASP A 30 -0.55 9.74 -9.69
N ALA A 31 0.31 10.18 -10.60
CA ALA A 31 1.35 9.27 -11.10
C ALA A 31 2.33 8.87 -10.00
N GLU A 32 2.76 9.85 -9.19
CA GLU A 32 3.69 9.56 -8.09
C GLU A 32 3.00 8.72 -7.02
N ARG A 33 1.73 8.99 -6.76
CA ARG A 33 0.93 8.18 -5.86
C ARG A 33 1.02 6.70 -6.20
N PHE A 34 1.03 6.35 -7.49
CA PHE A 34 1.15 4.96 -7.86
C PHE A 34 2.59 4.50 -8.04
N LEU A 35 3.50 5.39 -8.43
CA LEU A 35 4.84 4.92 -8.75
C LEU A 35 5.77 4.90 -7.57
N ILE A 36 5.66 5.82 -6.62
CA ILE A 36 6.55 5.80 -5.48
C ILE A 36 6.40 4.51 -4.67
N PRO A 37 5.19 4.01 -4.39
CA PRO A 37 5.11 2.72 -3.67
C PRO A 37 5.64 1.55 -4.46
N ALA A 38 5.52 1.58 -5.79
CA ALA A 38 6.12 0.52 -6.60
C ALA A 38 7.64 0.58 -6.54
N PHE A 39 8.24 1.77 -6.66
CA PHE A 39 9.69 1.83 -6.58
C PHE A 39 10.18 1.45 -5.19
N ALA A 40 9.41 1.77 -4.16
CA ALA A 40 9.78 1.37 -2.80
C ALA A 40 9.84 -0.15 -2.68
N GLU A 41 8.86 -0.85 -3.26
CA GLU A 41 8.91 -2.31 -3.29
C GLU A 41 10.14 -2.82 -4.05
N ALA A 42 10.44 -2.20 -5.20
CA ALA A 42 11.59 -2.67 -5.97
C ALA A 42 12.90 -2.39 -5.26
N LEU A 43 12.96 -1.39 -4.37
CA LEU A 43 14.13 -1.14 -3.53
C LEU A 43 14.08 -1.89 -2.20
N ASP A 44 13.06 -2.69 -1.95
CA ASP A 44 12.90 -3.39 -0.67
C ASP A 44 12.86 -2.41 0.50
N ILE A 45 12.12 -1.31 0.35
CA ILE A 45 11.87 -0.36 1.42
C ILE A 45 10.42 -0.54 1.87
N HIS A 46 10.23 -0.90 3.13
CA HIS A 46 8.93 -1.42 3.56
C HIS A 46 8.11 -0.29 4.19
N LEU A 47 7.43 0.47 3.32
CA LEU A 47 6.64 1.62 3.79
C LEU A 47 5.53 1.19 4.73
N ASP A 48 4.88 0.07 4.47
CA ASP A 48 3.77 -0.30 5.34
C ASP A 48 4.28 -0.77 6.69
N ILE A 49 5.42 -1.47 6.70
CA ILE A 49 6.01 -1.87 7.98
C ILE A 49 6.54 -0.65 8.72
N LEU A 50 7.18 0.28 8.02
CA LEU A 50 7.66 1.48 8.68
C LEU A 50 6.54 2.45 9.05
N GLY A 51 5.33 2.26 8.55
CA GLY A 51 4.24 3.18 8.76
C GLY A 51 4.38 4.49 7.99
N ILE A 52 4.93 4.43 6.78
CA ILE A 52 5.11 5.62 5.95
C ILE A 52 4.00 5.63 4.91
N SER A 53 3.32 6.76 4.79
CA SER A 53 2.26 6.88 3.80
C SER A 53 2.68 7.87 2.72
N VAL A 54 2.06 7.72 1.56
CA VAL A 54 2.27 8.62 0.44
C VAL A 54 1.06 9.54 0.34
N CYS A 55 1.30 10.85 0.29
CA CYS A 55 0.23 11.84 0.28
C CYS A 55 0.41 12.77 -0.90
N SER A 56 -0.55 12.77 -1.80
CA SER A 56 -0.55 13.68 -2.94
C SER A 56 -1.20 15.01 -2.57
N VAL A 57 -0.57 16.12 -2.98
CA VAL A 57 -1.16 17.43 -2.76
C VAL A 57 -1.93 17.92 -3.97
N SER A 58 -2.04 17.13 -5.04
CA SER A 58 -2.84 17.49 -6.23
C SER A 58 -2.50 18.88 -6.73
N GLY A 59 -1.22 19.14 -6.91
CA GLY A 59 -0.80 20.43 -7.39
C GLY A 59 0.67 20.59 -7.14
N THR A 60 1.10 21.82 -6.81
CA THR A 60 2.50 22.06 -6.52
C THR A 60 2.67 22.92 -5.28
N ASN A 61 1.61 23.14 -4.50
CA ASN A 61 1.72 23.91 -3.26
C ASN A 61 1.82 22.96 -2.06
N PHE A 62 3.05 22.66 -1.67
CA PHE A 62 3.30 21.82 -0.50
C PHE A 62 3.28 22.61 0.80
N ALA A 63 3.37 23.94 0.73
CA ALA A 63 3.59 24.74 1.93
C ALA A 63 2.53 24.55 3.01
N PRO A 64 1.23 24.52 2.73
CA PRO A 64 0.27 24.28 3.82
C PRO A 64 0.49 22.96 4.52
N TYR A 65 0.88 21.92 3.77
CA TYR A 65 1.05 20.61 4.39
C TYR A 65 2.29 20.58 5.27
N ILE A 66 3.39 21.15 4.77
CA ILE A 66 4.63 21.26 5.54
C ILE A 66 4.40 22.01 6.84
N LYS A 67 3.46 22.96 6.85
CA LYS A 67 3.15 23.69 8.07
C LYS A 67 2.41 22.79 9.07
N LEU A 68 1.44 22.03 8.57
CA LEU A 68 0.70 21.11 9.43
C LEU A 68 1.63 20.11 10.11
N VAL A 69 2.53 19.49 9.34
CA VAL A 69 3.30 18.35 9.82
C VAL A 69 4.75 18.68 10.12
N GLY A 70 5.22 19.90 9.82
CA GLY A 70 6.58 20.27 10.08
C GLY A 70 6.82 20.66 11.52
N PRO A 71 8.00 21.24 11.81
CA PRO A 71 8.24 21.77 13.16
C PRO A 71 7.12 22.65 13.66
N THR A 72 6.61 23.56 12.81
CA THR A 72 5.45 24.38 13.14
C THR A 72 4.33 23.56 13.78
N GLY A 73 4.15 22.34 13.33
CA GLY A 73 3.06 21.51 13.80
C GLY A 73 3.54 20.17 14.31
N LEU A 74 2.96 19.09 13.78
CA LEU A 74 3.09 17.77 14.36
C LEU A 74 4.52 17.24 14.35
N ASN A 75 5.43 17.88 13.61
CA ASN A 75 6.82 17.43 13.51
C ASN A 75 6.94 15.96 13.08
N ILE A 76 6.06 15.55 12.17
CA ILE A 76 6.17 14.22 11.56
C ILE A 76 7.29 14.23 10.54
N PRO A 77 8.16 13.23 10.52
CA PRO A 77 9.15 13.15 9.44
C PRO A 77 8.48 13.06 8.08
N HIS A 78 9.05 13.76 7.09
CA HIS A 78 8.41 13.88 5.80
C HIS A 78 9.46 14.18 4.74
N VAL A 79 9.13 13.86 3.50
CA VAL A 79 9.91 14.25 2.33
C VAL A 79 8.95 14.84 1.32
N VAL A 80 9.53 15.52 0.33
CA VAL A 80 8.79 16.15 -0.74
C VAL A 80 9.44 15.74 -2.05
N LEU A 81 8.64 15.28 -3.01
CA LEU A 81 9.10 15.04 -4.36
C LEU A 81 8.40 16.04 -5.26
N THR A 82 9.18 16.83 -6.01
CA THR A 82 8.61 17.84 -6.88
C THR A 82 9.46 17.98 -8.14
N ASP A 83 8.85 18.50 -9.20
CA ASP A 83 9.51 18.63 -10.48
C ASP A 83 10.20 19.99 -10.59
N LEU A 84 11.32 20.00 -11.31
CA LEU A 84 12.07 21.24 -11.51
C LEU A 84 11.24 22.26 -12.25
N ASP A 85 10.52 21.82 -13.26
CA ASP A 85 9.69 22.69 -14.11
C ASP A 85 10.57 23.78 -14.73
N PRO A 86 11.54 23.39 -15.55
CA PRO A 86 12.44 24.41 -16.14
C PRO A 86 11.68 25.27 -17.12
N VAL A 87 11.96 26.57 -17.09
CA VAL A 87 11.24 27.52 -17.93
C VAL A 87 12.25 28.23 -18.83
N ASP A 88 11.88 28.39 -20.10
CA ASP A 88 12.71 29.11 -21.04
C ASP A 88 13.00 30.53 -20.55
N ASP A 89 14.27 30.88 -20.52
CA ASP A 89 14.75 32.22 -20.17
C ASP A 89 14.25 32.68 -18.79
N ARG A 90 13.91 31.76 -17.90
CA ARG A 90 13.58 32.09 -16.52
C ARG A 90 14.26 31.09 -15.59
N PRO A 91 14.33 31.40 -14.30
CA PRO A 91 14.62 30.35 -13.33
C PRO A 91 13.50 29.31 -13.33
N PRO A 92 13.83 28.05 -13.08
CA PRO A 92 12.79 27.02 -13.06
C PRO A 92 11.79 27.27 -11.93
N LEU A 93 10.56 26.83 -12.15
CA LEU A 93 9.49 27.12 -11.19
C LEU A 93 9.75 26.53 -9.82
N ALA A 94 10.49 25.41 -9.74
CA ALA A 94 10.73 24.77 -8.45
C ALA A 94 11.59 25.62 -7.51
N ARG A 95 12.38 26.54 -8.07
CA ARG A 95 13.25 27.39 -7.25
C ARG A 95 12.46 28.13 -6.19
N LYS A 96 11.55 29.01 -6.61
CA LYS A 96 10.71 29.74 -5.67
C LYS A 96 9.87 28.79 -4.81
N ARG A 97 9.41 27.69 -5.40
CA ARG A 97 8.63 26.71 -4.65
C ARG A 97 9.43 26.14 -3.49
N LEU A 98 10.70 25.80 -3.74
CA LEU A 98 11.52 25.26 -2.66
C LEU A 98 11.87 26.33 -1.62
N LEU A 99 12.25 27.54 -2.08
CA LEU A 99 12.54 28.61 -1.14
C LEU A 99 11.39 28.82 -0.17
N ARG A 100 10.17 28.78 -0.68
CA ARG A 100 8.99 28.93 0.16
C ARG A 100 8.90 27.82 1.20
N LEU A 101 9.23 26.58 0.82
CA LEU A 101 9.20 25.50 1.81
C LEU A 101 10.40 25.57 2.74
N LEU A 102 11.55 25.98 2.21
CA LEU A 102 12.74 26.12 3.06
C LEU A 102 12.53 27.21 4.09
N GLU A 103 11.92 28.33 3.68
CA GLU A 103 11.65 29.42 4.60
C GLU A 103 10.96 28.92 5.86
N LEU A 104 10.08 27.92 5.71
CA LEU A 104 9.28 27.41 6.81
C LEU A 104 9.93 26.25 7.54
N ALA A 105 11.11 25.81 7.13
CA ALA A 105 11.71 24.62 7.70
C ALA A 105 13.15 24.79 8.20
N VAL A 106 13.86 25.80 7.74
CA VAL A 106 15.31 25.83 7.84
C VAL A 106 15.75 26.71 9.01
N THR A 107 17.03 26.62 9.36
CA THR A 107 17.64 27.47 10.38
C THR A 107 18.11 28.79 9.77
N ASP A 108 18.52 29.70 10.65
CA ASP A 108 18.83 31.05 10.24
C ASP A 108 20.17 31.12 9.51
N GLU A 109 20.26 32.06 8.57
CA GLU A 109 21.42 32.23 7.71
C GLU A 109 21.98 33.66 7.75
N GLU A 116 17.74 31.07 -7.22
CA GLU A 116 18.94 31.43 -6.47
C GLU A 116 20.09 30.48 -6.79
N ASP A 117 19.80 29.38 -7.49
CA ASP A 117 20.79 28.33 -7.79
C ASP A 117 21.46 27.81 -6.52
N GLU A 118 20.91 28.16 -5.39
CA GLU A 118 21.42 27.86 -4.07
C GLU A 118 20.69 26.69 -3.41
N PRO A 119 19.35 26.73 -3.32
CA PRO A 119 18.68 25.98 -2.26
C PRO A 119 18.56 24.48 -2.50
N TRP A 120 19.03 23.96 -3.63
CA TRP A 120 18.79 22.55 -3.95
C TRP A 120 19.37 21.64 -2.89
N ASP A 121 20.69 21.73 -2.68
CA ASP A 121 21.36 20.77 -1.80
C ASP A 121 20.95 20.98 -0.35
N LEU A 122 20.67 22.22 0.04
CA LEU A 122 20.11 22.44 1.36
C LEU A 122 18.71 21.86 1.47
N GLY A 123 17.91 21.99 0.40
CA GLY A 123 16.60 21.35 0.38
C GLY A 123 16.68 19.85 0.59
N GLU A 124 17.60 19.18 -0.11
CA GLU A 124 17.76 17.74 0.08
C GLU A 124 18.10 17.40 1.52
N GLU A 125 18.91 18.24 2.18
CA GLU A 125 19.20 18.01 3.59
C GLU A 125 17.92 17.92 4.41
N TYR A 126 16.88 18.68 4.02
CA TYR A 126 15.62 18.69 4.75
C TYR A 126 14.57 17.77 4.13
N GLY A 127 14.97 16.86 3.25
CA GLY A 127 14.01 15.94 2.64
C GLY A 127 13.26 16.49 1.45
N TYR A 128 13.75 17.55 0.81
CA TYR A 128 13.06 18.19 -0.31
C TYR A 128 13.82 17.82 -1.57
N PHE A 129 13.20 17.07 -2.46
CA PHE A 129 13.89 16.50 -3.61
C PHE A 129 13.25 16.95 -4.91
N VAL A 130 14.08 17.52 -5.78
CA VAL A 130 13.64 18.06 -7.05
C VAL A 130 14.31 17.24 -8.13
N ASN A 131 13.57 16.89 -9.18
CA ASN A 131 14.23 16.20 -10.26
C ASN A 131 14.83 17.26 -11.18
N ASP A 132 15.19 16.88 -12.40
CA ASP A 132 15.82 17.84 -13.30
C ASP A 132 14.89 18.30 -14.41
N SER A 133 13.70 17.71 -14.54
CA SER A 133 12.73 18.24 -15.47
C SER A 133 11.32 18.07 -14.92
N THR A 134 10.74 16.90 -15.19
CA THR A 134 9.49 16.49 -14.58
C THR A 134 9.47 14.97 -14.63
N LEU A 135 8.53 14.37 -13.89
CA LEU A 135 8.59 12.94 -13.63
C LEU A 135 8.88 12.12 -14.89
N GLU A 136 8.14 12.39 -15.97
CA GLU A 136 8.07 11.42 -17.07
C GLU A 136 9.35 11.39 -17.90
N PRO A 137 9.95 12.53 -18.31
CA PRO A 137 11.31 12.48 -18.87
C PRO A 137 12.32 11.80 -17.97
N GLU A 138 12.20 11.99 -16.66
CA GLU A 138 13.09 11.34 -15.70
C GLU A 138 12.97 9.83 -15.78
N LEU A 139 11.73 9.32 -15.86
CA LEU A 139 11.54 7.88 -16.00
C LEU A 139 12.19 7.36 -17.29
N PHE A 140 12.04 8.10 -18.40
CA PHE A 140 12.72 7.73 -19.65
C PHE A 140 14.23 7.70 -19.49
N GLN A 141 14.80 8.78 -18.94
CA GLN A 141 16.25 8.80 -18.69
C GLN A 141 16.68 7.65 -17.80
N ALA A 142 15.82 7.21 -16.88
CA ALA A 142 16.26 6.18 -15.95
C ALA A 142 16.18 4.78 -16.53
N GLY A 143 15.62 4.60 -17.73
CA GLY A 143 15.56 3.28 -18.34
C GLY A 143 14.18 2.70 -18.45
N LEU A 144 13.13 3.41 -18.04
CA LEU A 144 11.79 2.86 -18.12
C LEU A 144 11.12 3.12 -19.47
N GLY A 145 11.89 3.59 -20.47
CA GLY A 145 11.30 3.95 -21.75
C GLY A 145 10.60 2.80 -22.44
N SER A 146 11.17 1.60 -22.36
CA SER A 146 10.52 0.43 -22.98
C SER A 146 9.19 0.13 -22.32
N GLY A 147 9.12 0.25 -21.00
CA GLY A 147 7.86 0.07 -20.32
C GLY A 147 6.85 1.13 -20.71
N ILE A 148 7.28 2.40 -20.78
CA ILE A 148 6.36 3.46 -21.14
C ILE A 148 5.78 3.21 -22.53
N ARG A 149 6.62 2.78 -23.47
CA ARG A 149 6.15 2.44 -24.82
C ARG A 149 5.19 1.26 -24.81
N ASP A 150 5.54 0.20 -24.08
CA ASP A 150 4.64 -0.95 -23.96
C ASP A 150 3.29 -0.53 -23.40
N VAL A 151 3.29 0.24 -22.32
CA VAL A 151 2.05 0.67 -21.71
C VAL A 151 1.22 1.47 -22.71
N ILE A 152 1.86 2.41 -23.39
CA ILE A 152 1.14 3.30 -24.29
C ILE A 152 0.60 2.51 -25.48
N GLU A 153 1.44 1.65 -26.06
CA GLU A 153 1.00 0.91 -27.24
C GLU A 153 -0.07 -0.13 -26.89
N SER A 154 -0.08 -0.65 -25.68
CA SER A 154 -1.08 -1.66 -25.39
C SER A 154 -2.38 -1.09 -24.85
N GLU A 155 -2.38 0.15 -24.38
CA GLU A 155 -3.60 0.72 -23.83
C GLU A 155 -4.33 1.59 -24.83
N LEU A 156 -3.60 2.27 -25.70
CA LEU A 156 -4.21 3.15 -26.68
C LEU A 156 -4.25 2.49 -28.04
N SER A 157 -5.21 2.91 -28.84
CA SER A 157 -5.06 2.80 -30.28
C SER A 157 -4.10 3.90 -30.74
N THR A 158 -3.07 3.52 -31.51
CA THR A 158 -1.98 4.45 -31.84
C THR A 158 -1.70 4.47 -33.34
N SER A 159 -1.28 5.63 -33.83
CA SER A 159 -0.77 5.75 -35.18
C SER A 159 0.66 5.25 -35.25
N ALA A 160 1.05 4.76 -36.44
CA ALA A 160 2.43 4.34 -36.69
C ALA A 160 3.40 5.44 -36.30
N GLN A 161 3.00 6.69 -36.52
CA GLN A 161 3.88 7.81 -36.26
C GLN A 161 4.19 7.93 -34.77
N THR A 162 3.16 7.83 -33.91
CA THR A 162 3.46 7.87 -32.48
C THR A 162 4.27 6.64 -32.05
N ARG A 163 4.01 5.45 -32.63
CA ARG A 163 4.83 4.29 -32.32
C ARG A 163 6.28 4.44 -32.78
N GLU A 164 6.52 5.14 -33.89
CA GLU A 164 7.91 5.36 -34.24
C GLU A 164 8.54 6.45 -33.35
N ALA A 165 7.76 7.47 -32.97
CA ALA A 165 8.26 8.43 -31.99
C ALA A 165 8.68 7.72 -30.71
N LEU A 166 7.84 6.81 -30.20
CA LEU A 166 8.20 6.09 -28.98
C LEU A 166 9.45 5.22 -29.17
N ALA A 167 9.65 4.66 -30.36
CA ALA A 167 10.86 3.86 -30.59
C ALA A 167 12.11 4.73 -30.59
N CYS A 168 12.02 5.94 -31.13
CA CYS A 168 13.15 6.86 -31.08
C CYS A 168 13.46 7.26 -29.65
N TRP A 169 12.42 7.58 -28.88
CA TRP A 169 12.59 7.98 -27.50
C TRP A 169 13.26 6.87 -26.68
N VAL A 170 12.96 5.62 -26.99
CA VAL A 170 13.54 4.52 -26.22
C VAL A 170 15.02 4.35 -26.56
N ASP A 171 15.36 4.40 -27.84
CA ASP A 171 16.77 4.24 -28.22
C ASP A 171 17.59 5.50 -27.93
N ASP A 172 16.96 6.66 -27.87
CA ASP A 172 17.65 7.87 -27.40
C ASP A 172 16.72 8.71 -26.53
N PRO A 173 16.80 8.53 -25.20
CA PRO A 173 15.91 9.28 -24.31
C PRO A 173 16.03 10.79 -24.44
N THR A 174 17.16 11.30 -24.93
CA THR A 174 17.27 12.75 -25.11
C THR A 174 16.33 13.28 -26.19
N ALA A 175 15.91 12.44 -27.13
CA ALA A 175 15.03 12.90 -28.20
C ALA A 175 13.57 13.10 -27.76
N LEU A 176 13.28 12.93 -26.47
CA LEU A 176 11.89 12.84 -26.04
C LEU A 176 11.14 14.15 -26.28
N ASN A 177 9.93 14.04 -26.83
CA ASN A 177 9.05 15.17 -27.07
C ASN A 177 7.94 15.16 -26.02
N ASN A 178 8.05 16.07 -25.05
CA ASN A 178 7.20 15.98 -23.86
C ASN A 178 5.75 16.38 -24.13
N GLU A 179 5.50 17.32 -25.03
CA GLU A 179 4.12 17.62 -25.36
C GLU A 179 3.40 16.36 -25.82
N ARG A 180 4.10 15.54 -26.61
CA ARG A 180 3.47 14.38 -27.24
C ARG A 180 3.32 13.24 -26.25
N LEU A 181 4.32 12.99 -25.43
CA LEU A 181 4.21 11.96 -24.39
C LEU A 181 3.04 12.26 -23.46
N LEU A 182 2.95 13.52 -23.00
CA LEU A 182 1.91 13.87 -22.05
C LEU A 182 0.51 13.75 -22.67
N LYS A 183 0.38 14.10 -23.94
CA LYS A 183 -0.91 13.94 -24.60
C LYS A 183 -1.30 12.47 -24.65
N LEU A 184 -0.35 11.60 -24.97
CA LEU A 184 -0.59 10.16 -24.89
C LEU A 184 -0.98 9.76 -23.48
N ILE A 185 -0.26 10.24 -22.48
CA ILE A 185 -0.53 9.86 -21.09
C ILE A 185 -1.89 10.37 -20.63
N GLU A 186 -2.31 11.54 -21.09
CA GLU A 186 -3.62 12.05 -20.66
C GLU A 186 -4.77 11.29 -21.30
N ARG A 187 -4.56 10.71 -22.49
CA ARG A 187 -5.57 9.82 -23.07
C ARG A 187 -5.83 8.63 -22.16
N ILE A 188 -4.78 8.13 -21.51
CA ILE A 188 -4.94 7.02 -20.59
C ILE A 188 -5.44 7.52 -19.26
N GLY A 189 -4.98 8.70 -18.85
CA GLY A 189 -5.15 9.13 -17.47
C GLY A 189 -3.85 8.90 -16.75
N LYS A 190 -3.36 9.95 -16.09
CA LYS A 190 -2.03 9.90 -15.48
C LYS A 190 -1.96 8.83 -14.40
N GLY A 191 -3.05 8.64 -13.66
CA GLY A 191 -3.05 7.61 -12.62
C GLY A 191 -3.16 6.21 -13.20
N ARG A 192 -4.04 6.02 -14.19
CA ARG A 192 -4.11 4.74 -14.88
C ARG A 192 -2.77 4.40 -15.54
N PHE A 193 -2.20 5.37 -16.25
CA PHE A 193 -0.89 5.16 -16.86
C PHE A 193 0.13 4.70 -15.82
N ALA A 194 0.24 5.43 -14.71
CA ALA A 194 1.25 5.12 -13.71
C ALA A 194 1.01 3.78 -13.06
N GLN A 195 -0.26 3.41 -12.86
CA GLN A 195 -0.51 2.10 -12.27
C GLN A 195 -0.06 0.99 -13.21
N ALA A 196 -0.32 1.14 -14.50
CA ALA A 196 0.19 0.15 -15.46
C ALA A 196 1.72 0.16 -15.45
N LEU A 197 2.33 1.33 -15.38
CA LEU A 197 3.78 1.39 -15.46
C LEU A 197 4.44 0.83 -14.21
N ALA A 198 3.74 0.89 -13.06
CA ALA A 198 4.27 0.33 -11.83
C ALA A 198 4.72 -1.11 -12.00
N GLY A 199 4.05 -1.88 -12.88
CA GLY A 199 4.40 -3.28 -13.08
C GLY A 199 5.80 -3.48 -13.64
N PHE A 200 6.40 -2.43 -14.20
CA PHE A 200 7.77 -2.47 -14.72
C PHE A 200 8.78 -1.91 -13.75
N ALA A 201 8.36 -1.47 -12.57
CA ALA A 201 9.27 -0.85 -11.63
C ALA A 201 10.38 -1.82 -11.22
N THR A 202 11.62 -1.34 -11.27
CA THR A 202 12.77 -2.10 -10.78
C THR A 202 13.70 -1.13 -10.08
N ALA A 203 14.65 -1.68 -9.30
CA ALA A 203 15.64 -0.83 -8.63
C ALA A 203 16.51 -0.08 -9.62
N ASP A 204 16.82 -0.68 -10.77
CA ASP A 204 17.72 -0.01 -11.69
C ASP A 204 17.01 0.98 -12.60
N THR A 205 15.67 1.05 -12.59
CA THR A 205 14.95 2.08 -13.33
C THR A 205 14.33 3.13 -12.42
N CYS A 206 14.71 3.16 -11.15
CA CYS A 206 14.20 4.14 -10.21
C CYS A 206 15.01 5.42 -10.30
N PRO A 207 14.41 6.55 -10.71
CA PRO A 207 15.17 7.80 -10.75
C PRO A 207 15.83 8.09 -9.41
N ALA A 208 16.98 8.77 -9.48
CA ALA A 208 17.78 9.05 -8.29
C ALA A 208 17.01 9.85 -7.26
N TYR A 209 16.24 10.84 -7.69
CA TYR A 209 15.59 11.71 -6.71
C TYR A 209 14.49 10.97 -5.96
N ILE A 210 13.85 9.98 -6.58
CA ILE A 210 12.88 9.17 -5.86
C ILE A 210 13.60 8.23 -4.90
N ARG A 211 14.65 7.55 -5.40
CA ARG A 211 15.43 6.66 -4.55
C ARG A 211 16.00 7.38 -3.33
N ASN A 212 16.53 8.60 -3.53
CA ASN A 212 17.08 9.34 -2.39
C ASN A 212 15.98 9.75 -1.41
N ALA A 213 14.84 10.21 -1.92
CA ALA A 213 13.77 10.57 -0.99
C ALA A 213 13.29 9.36 -0.19
N LEU A 214 13.22 8.18 -0.83
CA LEU A 214 12.79 6.97 -0.14
C LEU A 214 13.80 6.54 0.92
N GLU A 215 15.09 6.51 0.57
CA GLU A 215 16.11 6.20 1.59
C GLU A 215 16.10 7.23 2.70
N TYR A 216 15.85 8.49 2.36
CA TYR A 216 15.85 9.52 3.38
C TYR A 216 14.68 9.34 4.34
N ILE A 217 13.50 9.04 3.83
CA ILE A 217 12.38 8.94 4.77
C ILE A 217 12.48 7.65 5.56
N ARG A 218 13.08 6.60 5.00
CA ARG A 218 13.32 5.40 5.81
C ARG A 218 14.34 5.67 6.92
N ASP A 219 15.47 6.30 6.58
CA ASP A 219 16.42 6.70 7.63
C ASP A 219 15.71 7.55 8.68
N ALA A 220 14.94 8.54 8.24
CA ALA A 220 14.30 9.46 9.17
C ALA A 220 13.38 8.73 10.15
N VAL A 221 12.54 7.81 9.64
CA VAL A 221 11.60 7.17 10.55
C VAL A 221 12.33 6.27 11.55
N ALA A 222 13.49 5.74 11.18
CA ALA A 222 14.30 4.96 12.12
C ALA A 222 14.89 5.84 13.23
N PHE B 19 -11.23 2.86 -7.36
CA PHE B 19 -10.62 1.55 -7.62
C PHE B 19 -10.05 1.40 -9.05
N PHE B 20 -10.42 0.29 -9.71
CA PHE B 20 -9.89 -0.19 -10.99
C PHE B 20 -8.45 -0.68 -10.79
N ALA B 21 -8.19 -1.24 -9.62
CA ALA B 21 -7.00 -2.02 -9.35
C ALA B 21 -6.94 -3.24 -10.27
N ARG B 22 -5.73 -3.80 -10.40
CA ARG B 22 -5.68 -5.09 -11.09
C ARG B 22 -6.15 -6.23 -10.21
N GLY B 23 -6.19 -6.04 -8.89
CA GLY B 23 -6.68 -7.07 -7.99
C GLY B 23 -7.09 -6.43 -6.69
N ILE B 24 -7.94 -7.14 -5.94
CA ILE B 24 -8.49 -6.59 -4.71
C ILE B 24 -8.42 -7.63 -3.62
N ILE B 25 -7.97 -7.21 -2.45
CA ILE B 25 -8.04 -8.00 -1.23
C ILE B 25 -9.16 -7.39 -0.40
N PHE B 26 -10.26 -8.11 -0.25
CA PHE B 26 -11.39 -7.64 0.54
C PHE B 26 -11.19 -8.11 1.97
N VAL B 27 -11.17 -7.16 2.91
CA VAL B 27 -11.00 -7.46 4.32
C VAL B 27 -12.16 -6.82 5.11
N GLU B 28 -12.24 -7.17 6.39
CA GLU B 28 -13.35 -6.73 7.25
C GLU B 28 -13.18 -5.31 7.78
N GLY B 29 -11.98 -4.94 8.21
CA GLY B 29 -11.84 -3.67 8.92
C GLY B 29 -10.49 -3.04 8.70
N ASP B 30 -10.18 -2.02 9.47
CA ASP B 30 -8.94 -1.32 9.24
C ASP B 30 -7.74 -1.99 9.89
N ALA B 31 -7.97 -2.90 10.85
CA ALA B 31 -6.87 -3.72 11.34
C ALA B 31 -6.22 -4.46 10.18
N GLU B 32 -7.01 -5.25 9.46
CA GLU B 32 -6.52 -5.94 8.28
C GLU B 32 -5.92 -4.96 7.28
N ARG B 33 -6.49 -3.76 7.17
CA ARG B 33 -5.99 -2.84 6.16
C ARG B 33 -4.57 -2.39 6.48
N PHE B 34 -4.24 -2.30 7.77
CA PHE B 34 -2.86 -2.03 8.12
C PHE B 34 -2.00 -3.28 8.04
N LEU B 35 -2.53 -4.42 8.47
CA LEU B 35 -1.64 -5.56 8.68
C LEU B 35 -1.35 -6.31 7.38
N ILE B 36 -2.37 -6.53 6.53
CA ILE B 36 -2.16 -7.30 5.31
C ILE B 36 -1.03 -6.74 4.46
N PRO B 37 -0.96 -5.42 4.19
CA PRO B 37 0.18 -4.91 3.41
C PRO B 37 1.49 -5.04 4.14
N ALA B 38 1.49 -5.07 5.47
CA ALA B 38 2.73 -5.25 6.21
C ALA B 38 3.25 -6.67 6.06
N PHE B 39 2.38 -7.66 6.21
CA PHE B 39 2.78 -9.05 5.98
C PHE B 39 3.19 -9.28 4.54
N ALA B 40 2.52 -8.63 3.58
CA ALA B 40 2.92 -8.76 2.19
C ALA B 40 4.34 -8.28 1.99
N GLU B 41 4.71 -7.18 2.64
CA GLU B 41 6.09 -6.71 2.55
C GLU B 41 7.04 -7.75 3.15
N ALA B 42 6.66 -8.29 4.31
CA ALA B 42 7.49 -9.28 4.96
C ALA B 42 7.68 -10.50 4.08
N LEU B 43 6.63 -10.87 3.32
CA LEU B 43 6.66 -12.05 2.45
C LEU B 43 7.24 -11.73 1.09
N ASP B 44 7.63 -10.48 0.84
CA ASP B 44 8.11 -10.05 -0.47
C ASP B 44 7.09 -10.36 -1.55
N ILE B 45 5.85 -9.99 -1.30
CA ILE B 45 4.78 -10.04 -2.28
C ILE B 45 4.41 -8.60 -2.60
N HIS B 46 4.63 -8.21 -3.84
CA HIS B 46 4.69 -6.79 -4.22
C HIS B 46 3.32 -6.33 -4.67
N LEU B 47 2.48 -5.86 -3.74
CA LEU B 47 1.11 -5.50 -4.10
C LEU B 47 1.07 -4.24 -4.95
N ASP B 48 1.95 -3.28 -4.71
CA ASP B 48 1.94 -2.04 -5.47
C ASP B 48 2.45 -2.25 -6.90
N ILE B 49 3.46 -3.09 -7.08
CA ILE B 49 3.92 -3.41 -8.43
C ILE B 49 2.80 -4.13 -9.19
N LEU B 50 2.08 -5.03 -8.53
CA LEU B 50 1.02 -5.79 -9.18
C LEU B 50 -0.30 -5.05 -9.28
N GLY B 51 -0.42 -3.86 -8.69
CA GLY B 51 -1.67 -3.14 -8.77
C GLY B 51 -2.76 -3.73 -7.90
N ILE B 52 -2.41 -4.34 -6.77
CA ILE B 52 -3.38 -4.99 -5.90
C ILE B 52 -3.74 -4.05 -4.77
N SER B 53 -5.03 -3.93 -4.47
CA SER B 53 -5.51 -3.03 -3.45
C SER B 53 -6.19 -3.84 -2.35
N VAL B 54 -6.12 -3.30 -1.14
CA VAL B 54 -6.78 -3.85 0.03
C VAL B 54 -7.99 -2.97 0.28
N CYS B 55 -9.17 -3.57 0.25
CA CYS B 55 -10.40 -2.80 0.43
C CYS B 55 -11.12 -3.33 1.65
N SER B 56 -11.23 -2.48 2.67
CA SER B 56 -12.06 -2.76 3.81
C SER B 56 -13.53 -2.52 3.48
N VAL B 57 -14.39 -3.47 3.84
CA VAL B 57 -15.82 -3.29 3.74
C VAL B 57 -16.46 -2.81 5.04
N SER B 58 -15.65 -2.53 6.07
CA SER B 58 -16.16 -2.00 7.34
C SER B 58 -17.27 -2.87 7.90
N GLY B 59 -17.08 -4.17 7.82
CA GLY B 59 -18.10 -5.09 8.27
C GLY B 59 -17.82 -6.47 7.75
N THR B 60 -18.87 -7.28 7.71
CA THR B 60 -18.73 -8.66 7.33
C THR B 60 -19.55 -9.00 6.08
N ASN B 61 -20.09 -7.99 5.41
CA ASN B 61 -21.04 -8.15 4.29
C ASN B 61 -20.30 -7.89 2.98
N PHE B 62 -19.66 -8.93 2.44
CA PHE B 62 -18.90 -8.83 1.20
C PHE B 62 -19.75 -9.02 -0.05
N ALA B 63 -20.93 -9.60 0.09
CA ALA B 63 -21.75 -9.98 -1.05
C ALA B 63 -22.04 -8.84 -2.03
N PRO B 64 -22.32 -7.61 -1.60
CA PRO B 64 -22.48 -6.53 -2.58
C PRO B 64 -21.22 -6.26 -3.38
N TYR B 65 -20.05 -6.36 -2.74
CA TYR B 65 -18.80 -6.10 -3.46
C TYR B 65 -18.47 -7.24 -4.40
N ILE B 66 -18.84 -8.47 -4.03
CA ILE B 66 -18.54 -9.63 -4.87
C ILE B 66 -19.30 -9.52 -6.19
N LYS B 67 -20.58 -9.13 -6.12
CA LYS B 67 -21.37 -8.97 -7.33
C LYS B 67 -20.75 -7.95 -8.26
N LEU B 68 -20.42 -6.77 -7.72
CA LEU B 68 -19.86 -5.70 -8.55
C LEU B 68 -18.57 -6.12 -9.23
N VAL B 69 -17.79 -6.97 -8.58
CA VAL B 69 -16.43 -7.25 -9.00
C VAL B 69 -16.27 -8.64 -9.60
N GLY B 70 -17.19 -9.57 -9.30
CA GLY B 70 -17.10 -10.95 -9.74
C GLY B 70 -17.37 -11.14 -11.22
N PRO B 71 -17.65 -12.40 -11.60
CA PRO B 71 -17.80 -12.73 -13.03
C PRO B 71 -18.89 -11.92 -13.72
N THR B 72 -20.02 -11.68 -13.05
CA THR B 72 -21.07 -10.86 -13.65
C THR B 72 -20.67 -9.40 -13.76
N GLY B 73 -19.90 -8.89 -12.81
CA GLY B 73 -19.51 -7.50 -12.81
C GLY B 73 -18.27 -7.22 -13.62
N LEU B 74 -17.33 -6.45 -13.04
CA LEU B 74 -16.10 -6.07 -13.73
C LEU B 74 -15.10 -7.23 -13.90
N ASN B 75 -15.40 -8.43 -13.41
CA ASN B 75 -14.51 -9.59 -13.52
C ASN B 75 -13.08 -9.26 -13.10
N ILE B 76 -12.94 -8.77 -11.88
CA ILE B 76 -11.64 -8.36 -11.34
C ILE B 76 -11.15 -9.44 -10.39
N PRO B 77 -9.91 -9.90 -10.51
CA PRO B 77 -9.38 -10.87 -9.53
C PRO B 77 -9.47 -10.32 -8.13
N HIS B 78 -9.93 -11.15 -7.20
CA HIS B 78 -10.17 -10.68 -5.85
C HIS B 78 -10.07 -11.85 -4.87
N VAL B 79 -9.83 -11.53 -3.60
CA VAL B 79 -9.90 -12.51 -2.52
C VAL B 79 -10.67 -11.89 -1.37
N VAL B 80 -11.13 -12.76 -0.47
CA VAL B 80 -11.85 -12.37 0.73
C VAL B 80 -11.13 -12.97 1.93
N LEU B 81 -10.87 -12.16 2.94
CA LEU B 81 -10.34 -12.61 4.22
C LEU B 81 -11.38 -12.27 5.28
N THR B 82 -11.78 -13.27 6.06
CA THR B 82 -12.84 -13.04 7.04
C THR B 82 -12.61 -13.96 8.24
N ASP B 83 -13.22 -13.60 9.37
CA ASP B 83 -13.04 -14.33 10.62
C ASP B 83 -14.04 -15.48 10.74
N LEU B 84 -13.59 -16.60 11.34
CA LEU B 84 -14.49 -17.72 11.56
C LEU B 84 -15.65 -17.32 12.46
N ASP B 85 -15.38 -16.50 13.49
CA ASP B 85 -16.36 -16.01 14.44
C ASP B 85 -17.07 -17.18 15.11
N PRO B 86 -16.35 -18.05 15.81
CA PRO B 86 -17.00 -19.20 16.45
C PRO B 86 -17.93 -18.72 17.56
N VAL B 87 -19.10 -19.36 17.64
CA VAL B 87 -20.06 -19.08 18.69
C VAL B 87 -20.28 -20.36 19.49
N ASP B 88 -20.48 -20.21 20.80
CA ASP B 88 -20.62 -21.38 21.65
C ASP B 88 -21.99 -22.03 21.45
N ASP B 89 -21.99 -23.36 21.31
CA ASP B 89 -23.21 -24.16 21.08
C ASP B 89 -23.90 -23.78 19.77
N ARG B 90 -23.15 -23.24 18.81
CA ARG B 90 -23.73 -22.83 17.54
C ARG B 90 -22.67 -22.95 16.47
N PRO B 91 -23.07 -23.06 15.20
CA PRO B 91 -22.08 -23.09 14.11
C PRO B 91 -21.29 -21.80 14.05
N PRO B 92 -20.12 -21.81 13.42
CA PRO B 92 -19.36 -20.56 13.22
C PRO B 92 -20.11 -19.61 12.30
N LEU B 93 -20.15 -18.33 12.70
CA LEU B 93 -20.84 -17.33 11.89
C LEU B 93 -20.33 -17.31 10.46
N ALA B 94 -19.07 -17.69 10.23
CA ALA B 94 -18.48 -17.57 8.91
C ALA B 94 -19.01 -18.60 7.93
N ARG B 95 -19.53 -19.74 8.40
CA ARG B 95 -19.99 -20.78 7.49
C ARG B 95 -21.13 -20.27 6.62
N LYS B 96 -22.12 -19.62 7.24
CA LYS B 96 -23.26 -19.09 6.50
C LYS B 96 -22.85 -17.90 5.64
N ARG B 97 -22.04 -16.99 6.19
CA ARG B 97 -21.53 -15.87 5.41
C ARG B 97 -20.75 -16.34 4.18
N LEU B 98 -20.14 -17.54 4.25
CA LEU B 98 -19.37 -18.03 3.11
C LEU B 98 -20.27 -18.71 2.08
N LEU B 99 -21.31 -19.40 2.53
CA LEU B 99 -22.28 -19.95 1.59
C LEU B 99 -22.92 -18.84 0.75
N ARG B 100 -23.14 -17.67 1.34
CA ARG B 100 -23.72 -16.56 0.59
C ARG B 100 -22.77 -16.09 -0.52
N LEU B 101 -21.49 -15.91 -0.21
CA LEU B 101 -20.54 -15.53 -1.26
C LEU B 101 -20.40 -16.62 -2.31
N LEU B 102 -20.37 -17.89 -1.88
CA LEU B 102 -20.25 -18.98 -2.83
C LEU B 102 -21.45 -19.05 -3.76
N GLU B 103 -22.65 -18.72 -3.27
CA GLU B 103 -23.84 -18.69 -4.11
C GLU B 103 -23.65 -17.76 -5.30
N LEU B 104 -22.92 -16.65 -5.13
CA LEU B 104 -22.75 -15.70 -6.22
C LEU B 104 -21.61 -16.05 -7.16
N ALA B 105 -20.80 -17.07 -6.86
CA ALA B 105 -19.58 -17.30 -7.61
C ALA B 105 -19.36 -18.71 -8.12
N VAL B 106 -20.08 -19.70 -7.62
CA VAL B 106 -19.76 -21.10 -7.92
C VAL B 106 -20.66 -21.61 -9.03
N THR B 107 -20.14 -22.58 -9.80
CA THR B 107 -20.94 -23.22 -10.82
C THR B 107 -22.17 -23.89 -10.22
N ASP B 108 -23.26 -23.92 -10.98
CA ASP B 108 -24.52 -24.47 -10.47
C ASP B 108 -24.48 -26.00 -10.57
N GLU B 109 -23.67 -26.59 -9.68
CA GLU B 109 -23.73 -28.01 -9.41
C GLU B 109 -24.35 -28.31 -8.05
N GLU B 110 -23.98 -27.53 -7.03
CA GLU B 110 -24.57 -27.60 -5.69
C GLU B 110 -24.35 -28.99 -5.07
N TRP B 111 -23.07 -29.25 -4.79
CA TRP B 111 -22.68 -30.49 -4.12
C TRP B 111 -23.03 -30.39 -2.63
N ASP B 112 -22.70 -31.45 -1.88
CA ASP B 112 -23.04 -31.47 -0.46
C ASP B 112 -22.16 -30.50 0.33
N GLU B 113 -20.97 -30.17 -0.18
CA GLU B 113 -20.00 -29.37 0.56
C GLU B 113 -19.70 -29.95 1.93
N LEU B 114 -19.79 -31.29 2.07
CA LEU B 114 -19.59 -31.99 3.33
C LEU B 114 -20.57 -31.53 4.41
N ASP B 115 -21.86 -31.86 4.25
CA ASP B 115 -22.93 -31.43 5.15
C ASP B 115 -23.19 -29.93 5.05
N GLU B 116 -22.73 -29.30 3.96
CA GLU B 116 -22.76 -27.85 3.74
C GLU B 116 -22.22 -27.05 4.92
N ASP B 117 -21.71 -27.72 5.95
CA ASP B 117 -21.02 -26.97 6.99
C ASP B 117 -19.53 -26.97 6.73
N GLU B 118 -19.07 -27.72 5.76
CA GLU B 118 -17.68 -27.68 5.33
C GLU B 118 -17.56 -27.10 3.93
N PRO B 119 -17.95 -25.85 3.70
CA PRO B 119 -17.69 -25.24 2.40
C PRO B 119 -16.33 -24.57 2.30
N TRP B 120 -15.43 -24.82 3.26
CA TRP B 120 -14.18 -24.07 3.38
C TRP B 120 -13.25 -24.32 2.20
N ASP B 121 -13.03 -25.60 1.87
CA ASP B 121 -12.10 -25.93 0.81
C ASP B 121 -12.57 -25.35 -0.52
N LEU B 122 -13.85 -25.47 -0.82
CA LEU B 122 -14.35 -24.86 -2.04
C LEU B 122 -14.24 -23.35 -1.99
N GLY B 123 -14.37 -22.76 -0.81
CA GLY B 123 -14.19 -21.32 -0.69
C GLY B 123 -12.77 -20.91 -1.04
N GLU B 124 -11.78 -21.67 -0.57
CA GLU B 124 -10.39 -21.32 -0.85
C GLU B 124 -10.08 -21.43 -2.34
N GLU B 125 -10.69 -22.39 -3.03
CA GLU B 125 -10.53 -22.45 -4.48
C GLU B 125 -11.03 -21.19 -5.16
N TYR B 126 -12.05 -20.56 -4.60
CA TYR B 126 -12.57 -19.33 -5.16
C TYR B 126 -11.99 -18.08 -4.49
N GLY B 127 -10.94 -18.24 -3.68
CA GLY B 127 -10.27 -17.11 -3.08
C GLY B 127 -10.89 -16.58 -1.81
N TYR B 128 -11.68 -17.38 -1.11
CA TYR B 128 -12.31 -16.96 0.14
C TYR B 128 -11.61 -17.67 1.28
N PHE B 129 -11.00 -16.91 2.16
CA PHE B 129 -10.15 -17.48 3.20
C PHE B 129 -10.68 -17.10 4.56
N VAL B 130 -10.82 -18.10 5.43
CA VAL B 130 -11.40 -17.96 6.75
C VAL B 130 -10.34 -18.38 7.76
N ASN B 131 -10.22 -17.64 8.86
CA ASN B 131 -9.25 -18.04 9.86
C ASN B 131 -9.91 -19.04 10.81
N ASP B 132 -9.25 -19.35 11.93
CA ASP B 132 -9.83 -20.29 12.89
C ASP B 132 -10.51 -19.60 14.06
N SER B 133 -10.42 -18.27 14.16
CA SER B 133 -11.14 -17.64 15.25
C SER B 133 -11.50 -16.21 14.87
N THR B 134 -10.57 -15.30 15.12
CA THR B 134 -10.66 -13.94 14.63
C THR B 134 -9.23 -13.41 14.53
N LEU B 135 -9.06 -12.27 13.87
CA LEU B 135 -7.72 -11.82 13.46
C LEU B 135 -6.72 -11.78 14.62
N GLU B 136 -7.07 -11.12 15.72
CA GLU B 136 -6.06 -10.79 16.74
C GLU B 136 -5.60 -12.02 17.51
N PRO B 137 -6.48 -12.93 17.95
CA PRO B 137 -5.97 -14.21 18.48
C PRO B 137 -5.14 -15.01 17.49
N GLU B 138 -5.52 -15.00 16.20
CA GLU B 138 -4.71 -15.69 15.20
C GLU B 138 -3.30 -15.09 15.09
N LEU B 139 -3.18 -13.77 15.17
CA LEU B 139 -1.86 -13.14 15.21
C LEU B 139 -1.05 -13.63 16.42
N PHE B 140 -1.67 -13.63 17.60
CA PHE B 140 -1.01 -14.16 18.79
C PHE B 140 -0.57 -15.59 18.59
N GLN B 141 -1.45 -16.42 18.02
CA GLN B 141 -1.12 -17.83 17.83
C GLN B 141 -0.08 -18.03 16.73
N ALA B 142 -0.05 -17.14 15.73
CA ALA B 142 0.98 -17.23 14.70
C ALA B 142 2.35 -16.82 15.19
N GLY B 143 2.49 -16.38 16.45
CA GLY B 143 3.79 -16.08 17.02
C GLY B 143 4.05 -14.61 17.27
N LEU B 144 3.07 -13.75 17.03
CA LEU B 144 3.24 -12.34 17.30
C LEU B 144 2.94 -11.97 18.76
N GLY B 145 2.80 -12.96 19.65
CA GLY B 145 2.35 -12.68 21.01
C GLY B 145 3.25 -11.69 21.74
N SER B 146 4.55 -11.81 21.55
CA SER B 146 5.46 -10.88 22.20
C SER B 146 5.22 -9.46 21.71
N GLY B 147 4.97 -9.28 20.42
CA GLY B 147 4.77 -7.94 19.89
C GLY B 147 3.43 -7.38 20.31
N ILE B 148 2.41 -8.22 20.36
CA ILE B 148 1.12 -7.79 20.84
C ILE B 148 1.20 -7.34 22.29
N ARG B 149 2.00 -8.05 23.11
CA ARG B 149 2.20 -7.65 24.50
C ARG B 149 2.95 -6.33 24.61
N ASP B 150 4.01 -6.16 23.82
CA ASP B 150 4.71 -4.88 23.78
C ASP B 150 3.76 -3.74 23.49
N VAL B 151 2.93 -3.91 22.45
CA VAL B 151 2.08 -2.82 22.01
C VAL B 151 1.05 -2.50 23.10
N ILE B 152 0.45 -3.53 23.69
CA ILE B 152 -0.60 -3.29 24.67
C ILE B 152 -0.02 -2.58 25.88
N GLU B 153 1.18 -2.99 26.31
CA GLU B 153 1.78 -2.38 27.48
C GLU B 153 2.39 -1.02 27.18
N SER B 154 2.68 -0.71 25.91
CA SER B 154 3.12 0.64 25.58
C SER B 154 1.95 1.59 25.44
N GLU B 155 0.79 1.11 25.02
CA GLU B 155 -0.35 1.95 24.69
C GLU B 155 -1.27 2.18 25.89
N LEU B 156 -1.50 1.16 26.69
CA LEU B 156 -2.48 1.26 27.75
C LEU B 156 -1.80 1.55 29.08
N SER B 157 -2.61 1.99 30.02
CA SER B 157 -2.24 1.94 31.42
C SER B 157 -2.74 0.60 31.91
N THR B 158 -1.84 -0.24 32.42
CA THR B 158 -2.19 -1.61 32.71
C THR B 158 -1.93 -1.94 34.18
N SER B 159 -2.67 -2.92 34.67
CA SER B 159 -2.48 -3.47 36.00
C SER B 159 -1.45 -4.59 35.96
N ALA B 160 -0.92 -4.93 37.12
CA ALA B 160 0.01 -6.05 37.20
C ALA B 160 -0.68 -7.34 36.81
N GLN B 161 -1.96 -7.45 37.13
CA GLN B 161 -2.71 -8.64 36.77
C GLN B 161 -2.75 -8.80 35.26
N THR B 162 -3.00 -7.70 34.54
CA THR B 162 -3.03 -7.74 33.09
C THR B 162 -1.67 -8.12 32.52
N ARG B 163 -0.60 -7.42 32.94
CA ARG B 163 0.71 -7.73 32.43
C ARG B 163 1.11 -9.18 32.71
N GLU B 164 0.71 -9.73 33.84
CA GLU B 164 1.08 -11.12 34.08
C GLU B 164 0.26 -12.08 33.24
N ALA B 165 -1.01 -11.78 33.00
CA ALA B 165 -1.80 -12.57 32.07
C ALA B 165 -1.18 -12.56 30.68
N LEU B 166 -0.66 -11.40 30.24
CA LEU B 166 -0.02 -11.32 28.93
C LEU B 166 1.30 -12.09 28.89
N ALA B 167 2.10 -12.03 29.96
CA ALA B 167 3.33 -12.81 29.99
C ALA B 167 3.03 -14.30 29.90
N CYS B 168 1.97 -14.74 30.58
CA CYS B 168 1.60 -16.15 30.54
C CYS B 168 1.19 -16.57 29.14
N TRP B 169 0.33 -15.79 28.50
CA TRP B 169 -0.07 -16.07 27.12
C TRP B 169 1.13 -16.12 26.19
N VAL B 170 2.12 -15.24 26.41
CA VAL B 170 3.30 -15.30 25.55
C VAL B 170 4.06 -16.60 25.75
N ASP B 171 4.17 -17.06 27.00
CA ASP B 171 4.89 -18.31 27.24
C ASP B 171 4.13 -19.50 26.69
N ASP B 172 2.83 -19.46 26.72
CA ASP B 172 2.04 -20.54 26.19
C ASP B 172 0.81 -19.98 25.48
N PRO B 173 0.92 -19.66 24.19
CA PRO B 173 -0.24 -19.12 23.47
C PRO B 173 -1.45 -20.01 23.50
N THR B 174 -1.30 -21.29 23.84
CA THR B 174 -2.46 -22.16 23.95
C THR B 174 -3.31 -21.76 25.14
N ALA B 175 -2.68 -21.19 26.17
CA ALA B 175 -3.42 -20.66 27.30
C ALA B 175 -4.12 -19.34 27.00
N LEU B 176 -4.03 -18.84 25.77
CA LEU B 176 -4.55 -17.50 25.47
C LEU B 176 -6.05 -17.39 25.70
N ASN B 177 -6.47 -16.37 26.45
CA ASN B 177 -7.89 -16.04 26.61
C ASN B 177 -8.25 -15.01 25.56
N ASN B 178 -8.97 -15.46 24.53
CA ASN B 178 -9.25 -14.61 23.36
C ASN B 178 -10.03 -13.36 23.75
N GLU B 179 -11.07 -13.51 24.55
CA GLU B 179 -11.94 -12.36 24.81
C GLU B 179 -11.29 -11.35 25.74
N ARG B 180 -10.46 -11.78 26.69
CA ARG B 180 -9.73 -10.77 27.44
C ARG B 180 -8.70 -10.06 26.56
N LEU B 181 -8.09 -10.78 25.60
CA LEU B 181 -7.17 -10.12 24.67
C LEU B 181 -7.88 -9.04 23.88
N LEU B 182 -9.06 -9.33 23.35
CA LEU B 182 -9.74 -8.35 22.52
C LEU B 182 -10.24 -7.18 23.35
N LYS B 183 -10.63 -7.41 24.60
CA LYS B 183 -10.96 -6.30 25.49
C LYS B 183 -9.80 -5.33 25.60
N LEU B 184 -8.61 -5.85 25.94
CA LEU B 184 -7.40 -5.04 25.91
C LEU B 184 -7.26 -4.29 24.60
N ILE B 185 -7.47 -4.98 23.47
CA ILE B 185 -7.20 -4.32 22.19
C ILE B 185 -8.28 -3.29 21.89
N GLU B 186 -9.52 -3.56 22.27
CA GLU B 186 -10.59 -2.60 22.05
C GLU B 186 -10.40 -1.35 22.89
N ARG B 187 -9.70 -1.44 24.03
CA ARG B 187 -9.26 -0.24 24.72
C ARG B 187 -8.30 0.58 23.88
N ILE B 188 -7.49 -0.06 23.05
CA ILE B 188 -6.56 0.73 22.23
C ILE B 188 -7.27 1.28 21.01
N GLY B 189 -8.22 0.52 20.47
CA GLY B 189 -8.73 0.73 19.12
C GLY B 189 -8.08 -0.25 18.17
N LYS B 190 -8.89 -1.11 17.58
CA LYS B 190 -8.39 -2.18 16.72
C LYS B 190 -7.54 -1.61 15.58
N GLY B 191 -7.96 -0.48 15.00
CA GLY B 191 -7.19 0.11 13.92
C GLY B 191 -5.87 0.69 14.40
N ARG B 192 -5.87 1.33 15.57
CA ARG B 192 -4.63 1.90 16.08
C ARG B 192 -3.71 0.80 16.56
N PHE B 193 -4.28 -0.23 17.18
CA PHE B 193 -3.47 -1.36 17.59
C PHE B 193 -2.73 -1.96 16.39
N ALA B 194 -3.43 -2.15 15.28
CA ALA B 194 -2.85 -2.85 14.13
C ALA B 194 -1.78 -2.02 13.46
N GLN B 195 -2.00 -0.71 13.35
CA GLN B 195 -0.94 0.16 12.85
C GLN B 195 0.33 0.03 13.69
N ALA B 196 0.18 -0.05 15.02
CA ALA B 196 1.39 -0.22 15.84
C ALA B 196 1.97 -1.62 15.70
N LEU B 197 1.13 -2.64 15.59
CA LEU B 197 1.64 -3.99 15.40
C LEU B 197 2.30 -4.22 14.04
N ALA B 198 1.95 -3.43 13.01
CA ALA B 198 2.51 -3.64 11.68
C ALA B 198 4.02 -3.61 11.69
N GLY B 199 4.62 -2.79 12.55
CA GLY B 199 6.07 -2.72 12.70
C GLY B 199 6.72 -4.05 13.00
N PHE B 200 5.94 -5.00 13.52
CA PHE B 200 6.46 -6.30 13.95
C PHE B 200 6.26 -7.40 12.92
N ALA B 201 5.64 -7.11 11.78
CA ALA B 201 5.32 -8.16 10.81
C ALA B 201 6.57 -8.84 10.29
N THR B 202 6.55 -10.18 10.24
CA THR B 202 7.61 -10.96 9.60
C THR B 202 6.92 -12.09 8.83
N ALA B 203 7.67 -12.74 7.93
CA ALA B 203 7.08 -13.83 7.15
C ALA B 203 6.65 -14.98 8.03
N ASP B 204 7.39 -15.25 9.12
CA ASP B 204 7.10 -16.38 10.00
C ASP B 204 5.93 -16.15 10.95
N THR B 205 5.47 -14.91 11.14
CA THR B 205 4.34 -14.65 12.03
C THR B 205 3.08 -14.31 11.27
N CYS B 206 3.09 -14.49 9.96
CA CYS B 206 1.90 -14.27 9.18
C CYS B 206 0.96 -15.45 9.35
N PRO B 207 -0.29 -15.24 9.79
CA PRO B 207 -1.26 -16.33 9.83
C PRO B 207 -1.43 -16.96 8.45
N ALA B 208 -1.66 -18.28 8.44
CA ALA B 208 -1.77 -19.04 7.19
C ALA B 208 -2.83 -18.47 6.26
N TYR B 209 -4.00 -18.09 6.79
CA TYR B 209 -5.08 -17.68 5.90
C TYR B 209 -4.75 -16.38 5.16
N ILE B 210 -4.04 -15.47 5.81
CA ILE B 210 -3.57 -14.26 5.14
C ILE B 210 -2.53 -14.59 4.08
N ARG B 211 -1.56 -15.45 4.43
CA ARG B 211 -0.52 -15.83 3.47
C ARG B 211 -1.11 -16.52 2.25
N ASN B 212 -2.05 -17.46 2.48
CA ASN B 212 -2.77 -18.12 1.40
C ASN B 212 -3.46 -17.11 0.49
N ALA B 213 -4.14 -16.14 1.10
CA ALA B 213 -4.87 -15.15 0.30
C ALA B 213 -3.92 -14.26 -0.50
N LEU B 214 -2.78 -13.89 0.09
CA LEU B 214 -1.83 -13.06 -0.63
C LEU B 214 -1.23 -13.81 -1.81
N GLU B 215 -0.91 -15.09 -1.63
CA GLU B 215 -0.36 -15.89 -2.73
C GLU B 215 -1.40 -16.12 -3.81
N TYR B 216 -2.63 -16.41 -3.42
CA TYR B 216 -3.73 -16.54 -4.37
C TYR B 216 -3.88 -15.28 -5.22
N ILE B 217 -4.01 -14.10 -4.58
CA ILE B 217 -4.30 -12.91 -5.36
C ILE B 217 -3.09 -12.50 -6.20
N ARG B 218 -1.87 -12.73 -5.69
CA ARG B 218 -0.69 -12.46 -6.52
C ARG B 218 -0.72 -13.29 -7.79
N ASP B 219 -1.08 -14.57 -7.67
CA ASP B 219 -1.11 -15.45 -8.82
C ASP B 219 -2.31 -15.16 -9.71
N ALA B 220 -3.46 -14.84 -9.14
CA ALA B 220 -4.60 -14.51 -9.99
C ALA B 220 -4.27 -13.32 -10.89
N VAL B 221 -3.58 -12.31 -10.36
CA VAL B 221 -3.25 -11.13 -11.13
C VAL B 221 -2.17 -11.42 -12.17
N ALA B 222 -1.22 -12.29 -11.87
CA ALA B 222 -0.09 -12.54 -12.78
C ALA B 222 -0.42 -13.58 -13.82
#